data_4ZRI
#
_entry.id   4ZRI
#
_cell.length_a   62.962
_cell.length_b   100.549
_cell.length_c   65.030
_cell.angle_alpha   90.00
_cell.angle_beta   105.85
_cell.angle_gamma   90.00
#
_symmetry.space_group_name_H-M   'P 1 21 1'
#
loop_
_entity.id
_entity.type
_entity.pdbx_description
1 polymer Merlin
2 polymer 'Serine/threonine-protein kinase LATS2'
3 water water
#
loop_
_entity_poly.entity_id
_entity_poly.type
_entity_poly.pdbx_seq_one_letter_code
_entity_poly.pdbx_strand_id
1 'polypeptide(L)'
;GPGSMAGAIASRMSFSSLKRKQPKTFTVRIVTMDAEMEFNCEMKWKGKDLFDLVCRTLGLRETWFFGLQYTIKDTVAWLK
MDKKVLDHDVSKEEPVTFHFLAKFYPENAEEELVQEITQHLFFLQVKKQILDEKIYCPPEASVLLASYAVQAKYGDYDPS
VHKRGFLAQEELLPKRVINLYQMTPEMWEERITAWYAEHRGRARDEAEMEYLKIAQDLEMYGVNYFAIRNKKGTELLLGV
DALGLHIYDPENRLTPKISFPWNEIRNISYSDKEFTIKPLDKKIDVFKFNSSKLRVNKLILQLCIGNHDLFMRRRKADSL
EVQQ
;
A,B
2 'polypeptide(L)' PKFGPYQKALREIRYSLLPFANESGTSAAAEV C,D
#
# COMPACT_ATOMS: atom_id res chain seq x y z
N LYS A 24 -27.34 -14.52 -20.26
CA LYS A 24 -27.07 -13.08 -20.37
C LYS A 24 -25.57 -12.74 -20.51
N THR A 25 -25.25 -11.46 -20.27
CA THR A 25 -23.90 -10.96 -20.45
C THR A 25 -23.48 -10.04 -19.31
N PHE A 26 -22.18 -9.86 -19.17
CA PHE A 26 -21.63 -8.83 -18.27
C PHE A 26 -20.63 -7.93 -18.99
N THR A 27 -20.36 -6.79 -18.37
CA THR A 27 -19.44 -5.82 -18.94
C THR A 27 -18.08 -6.02 -18.31
N VAL A 28 -17.05 -5.78 -19.11
CA VAL A 28 -15.68 -5.95 -18.67
C VAL A 28 -14.88 -4.73 -19.12
N ARG A 29 -14.00 -4.26 -18.23
CA ARG A 29 -13.20 -3.09 -18.52
C ARG A 29 -11.78 -3.58 -18.68
N ILE A 30 -11.17 -3.24 -19.81
CA ILE A 30 -9.78 -3.58 -20.06
C ILE A 30 -8.94 -2.33 -20.19
N VAL A 31 -8.01 -2.20 -19.26
CA VAL A 31 -7.11 -1.06 -19.18
C VAL A 31 -5.75 -1.49 -19.69
N THR A 32 -5.30 -0.78 -20.71
CA THR A 32 -3.92 -0.84 -21.09
C THR A 32 -3.22 0.43 -20.56
N MET A 33 -1.91 0.46 -20.69
CA MET A 33 -1.12 1.62 -20.29
C MET A 33 -1.60 2.85 -21.07
N ASP A 34 -2.00 2.61 -22.31
CA ASP A 34 -2.34 3.65 -23.25
C ASP A 34 -3.78 4.13 -23.09
N ALA A 35 -4.70 3.16 -22.98
CA ALA A 35 -6.12 3.44 -23.13
C ALA A 35 -6.99 2.44 -22.41
N GLU A 36 -8.30 2.53 -22.67
CA GLU A 36 -9.31 1.77 -21.97
C GLU A 36 -10.28 1.24 -23.01
N MET A 37 -10.89 0.09 -22.76
CA MET A 37 -11.90 -0.47 -23.67
C MET A 37 -12.94 -1.29 -22.90
N GLU A 38 -14.14 -1.40 -23.45
CA GLU A 38 -15.22 -2.16 -22.81
C GLU A 38 -15.74 -3.27 -23.70
N PHE A 39 -16.18 -4.35 -23.07
CA PHE A 39 -16.63 -5.52 -23.80
C PHE A 39 -17.81 -6.12 -23.10
N ASN A 40 -18.77 -6.61 -23.88
CA ASN A 40 -19.79 -7.44 -23.28
C ASN A 40 -19.39 -8.89 -23.47
N CYS A 41 -19.56 -9.67 -22.41
CA CYS A 41 -19.09 -11.04 -22.39
C CYS A 41 -20.20 -11.96 -21.94
N GLU A 42 -20.36 -13.06 -22.67
CA GLU A 42 -21.22 -14.16 -22.23
C GLU A 42 -20.72 -14.71 -20.91
N MET A 43 -21.65 -15.19 -20.09
CA MET A 43 -21.35 -15.74 -18.77
C MET A 43 -20.35 -16.91 -18.77
N LYS A 44 -20.15 -17.53 -19.93
CA LYS A 44 -19.36 -18.76 -20.03
C LYS A 44 -17.97 -18.50 -20.62
N TRP A 45 -17.70 -17.22 -20.91
CA TRP A 45 -16.46 -16.82 -21.55
C TRP A 45 -15.23 -17.20 -20.71
N LYS A 46 -14.19 -17.67 -21.38
CA LYS A 46 -12.95 -18.00 -20.71
C LYS A 46 -11.87 -16.95 -20.92
N GLY A 47 -10.77 -17.05 -20.17
CA GLY A 47 -9.64 -16.14 -20.31
C GLY A 47 -9.26 -16.00 -21.77
N LYS A 48 -9.11 -17.14 -22.43
CA LYS A 48 -8.75 -17.23 -23.83
C LYS A 48 -9.60 -16.30 -24.70
N ASP A 49 -10.91 -16.28 -24.44
CA ASP A 49 -11.84 -15.44 -25.20
C ASP A 49 -11.60 -13.92 -25.06
N LEU A 50 -11.40 -13.47 -23.83
CA LEU A 50 -11.12 -12.05 -23.61
C LEU A 50 -9.78 -11.70 -24.21
N PHE A 51 -8.79 -12.52 -23.88
CA PHE A 51 -7.43 -12.24 -24.31
C PHE A 51 -7.34 -12.09 -25.83
N ASP A 52 -7.89 -13.05 -26.58
CA ASP A 52 -7.91 -12.99 -28.03
C ASP A 52 -8.61 -11.75 -28.56
N LEU A 53 -9.69 -11.35 -27.89
CA LEU A 53 -10.47 -10.18 -28.27
C LEU A 53 -9.62 -8.92 -28.11
N VAL A 54 -9.03 -8.75 -26.94
CA VAL A 54 -8.18 -7.59 -26.69
C VAL A 54 -7.03 -7.55 -27.69
N CYS A 55 -6.37 -8.68 -27.92
CA CYS A 55 -5.24 -8.73 -28.84
C CYS A 55 -5.62 -8.36 -30.29
N ARG A 56 -6.77 -8.81 -30.74
CA ARG A 56 -7.14 -8.49 -32.13
C ARG A 56 -7.49 -7.02 -32.23
N THR A 57 -8.13 -6.50 -31.19
CA THR A 57 -8.44 -5.08 -31.16
C THR A 57 -7.15 -4.26 -31.29
N LEU A 58 -6.15 -4.60 -30.48
CA LEU A 58 -4.86 -3.94 -30.54
C LEU A 58 -4.08 -4.27 -31.82
N GLY A 59 -4.53 -5.30 -32.53
CA GLY A 59 -3.85 -5.74 -33.73
C GLY A 59 -2.48 -6.25 -33.36
N LEU A 60 -2.39 -6.85 -32.19
CA LEU A 60 -1.14 -7.37 -31.62
C LEU A 60 -1.00 -8.86 -31.86
N ARG A 61 0.07 -9.25 -32.56
CA ARG A 61 0.38 -10.66 -32.81
C ARG A 61 1.42 -11.25 -31.85
N GLU A 62 2.22 -10.41 -31.22
CA GLU A 62 3.23 -10.94 -30.30
C GLU A 62 2.64 -11.15 -28.90
N THR A 63 1.62 -11.98 -28.82
CA THR A 63 0.74 -12.02 -27.64
C THR A 63 1.36 -12.67 -26.42
N TRP A 64 2.45 -13.39 -26.60
CA TRP A 64 2.96 -14.25 -25.53
C TRP A 64 3.72 -13.48 -24.44
N PHE A 65 4.00 -12.20 -24.65
CA PHE A 65 4.59 -11.41 -23.58
C PHE A 65 3.49 -10.89 -22.65
N PHE A 66 2.23 -11.11 -23.01
CA PHE A 66 1.13 -10.39 -22.37
C PHE A 66 0.18 -11.26 -21.57
N GLY A 67 -0.77 -10.61 -20.91
CA GLY A 67 -1.74 -11.30 -20.09
C GLY A 67 -2.68 -10.25 -19.53
N LEU A 68 -3.84 -10.67 -19.04
CA LEU A 68 -4.77 -9.77 -18.38
C LEU A 68 -4.62 -10.00 -16.89
N GLN A 69 -4.19 -8.97 -16.17
CA GLN A 69 -4.04 -9.13 -14.72
C GLN A 69 -5.03 -8.35 -13.88
N TYR A 70 -5.27 -8.87 -12.68
CA TYR A 70 -6.08 -8.22 -11.65
C TYR A 70 -5.38 -8.48 -10.32
N THR A 71 -5.61 -7.63 -9.34
CA THR A 71 -5.01 -7.82 -8.02
C THR A 71 -6.02 -8.37 -7.01
N ILE A 72 -5.66 -9.46 -6.37
CA ILE A 72 -6.46 -9.97 -5.27
C ILE A 72 -5.62 -10.10 -3.99
N LYS A 73 -6.25 -9.73 -2.87
CA LYS A 73 -5.55 -9.37 -1.63
C LYS A 73 -4.48 -8.38 -2.02
N ASP A 74 -3.23 -8.71 -1.75
CA ASP A 74 -2.13 -7.81 -2.09
C ASP A 74 -1.27 -8.39 -3.20
N THR A 75 -1.81 -9.37 -3.90
CA THR A 75 -1.04 -10.13 -4.87
C THR A 75 -1.63 -10.04 -6.27
N VAL A 76 -0.77 -9.91 -7.28
CA VAL A 76 -1.27 -9.84 -8.64
C VAL A 76 -1.70 -11.23 -9.13
N ALA A 77 -2.63 -11.25 -10.07
CA ALA A 77 -3.10 -12.51 -10.62
C ALA A 77 -3.35 -12.38 -12.11
N TRP A 78 -3.06 -13.45 -12.84
CA TRP A 78 -3.23 -13.47 -14.29
C TRP A 78 -4.34 -14.44 -14.66
N LEU A 79 -5.31 -13.97 -15.44
CA LEU A 79 -6.39 -14.82 -15.96
C LEU A 79 -5.83 -16.04 -16.67
N LYS A 80 -6.31 -17.23 -16.32
CA LYS A 80 -5.95 -18.46 -17.05
C LYS A 80 -6.82 -18.63 -18.29
N MET A 81 -6.24 -19.16 -19.37
CA MET A 81 -6.94 -19.19 -20.65
C MET A 81 -8.15 -20.14 -20.73
N ASP A 82 -8.04 -21.27 -20.04
CA ASP A 82 -9.02 -22.34 -20.13
C ASP A 82 -10.03 -22.36 -18.99
N LYS A 83 -9.93 -21.40 -18.07
CA LYS A 83 -10.91 -21.24 -16.99
C LYS A 83 -11.93 -20.15 -17.35
N LYS A 84 -13.18 -20.30 -16.91
CA LYS A 84 -14.18 -19.24 -17.11
C LYS A 84 -13.71 -17.96 -16.41
N VAL A 85 -13.84 -16.83 -17.08
CA VAL A 85 -13.49 -15.56 -16.45
C VAL A 85 -14.10 -15.41 -15.05
N LEU A 86 -15.42 -15.60 -14.93
CA LEU A 86 -16.10 -15.47 -13.65
C LEU A 86 -15.67 -16.51 -12.58
N ASP A 87 -15.01 -17.58 -12.99
CA ASP A 87 -14.50 -18.55 -12.01
C ASP A 87 -13.17 -18.13 -11.40
N HIS A 88 -12.77 -16.89 -11.65
CA HIS A 88 -11.60 -16.32 -11.01
C HIS A 88 -12.07 -15.55 -9.78
N ASP A 89 -11.28 -15.55 -8.71
CA ASP A 89 -11.69 -14.85 -7.50
C ASP A 89 -11.48 -13.36 -7.65
N VAL A 90 -12.12 -12.80 -8.67
CA VAL A 90 -11.96 -11.40 -9.02
C VAL A 90 -13.24 -10.66 -8.68
N SER A 91 -13.11 -9.39 -8.29
CA SER A 91 -14.25 -8.58 -7.89
C SER A 91 -15.28 -8.57 -9.01
N LYS A 92 -16.51 -8.94 -8.65
CA LYS A 92 -17.59 -9.17 -9.61
C LYS A 92 -18.42 -7.91 -9.86
N GLU A 93 -18.04 -6.81 -9.22
CA GLU A 93 -18.80 -5.58 -9.37
C GLU A 93 -18.55 -4.95 -10.74
N GLU A 94 -19.53 -5.04 -11.62
CA GLU A 94 -19.38 -4.49 -12.98
C GLU A 94 -18.90 -3.04 -12.97
N PRO A 95 -18.05 -2.66 -13.93
CA PRO A 95 -17.43 -3.53 -14.95
C PRO A 95 -16.31 -4.37 -14.37
N VAL A 96 -16.21 -5.63 -14.78
CA VAL A 96 -15.15 -6.49 -14.28
C VAL A 96 -13.85 -6.02 -14.92
N THR A 97 -12.91 -5.57 -14.10
CA THR A 97 -11.72 -4.91 -14.63
C THR A 97 -10.48 -5.77 -14.68
N PHE A 98 -9.76 -5.64 -15.80
CA PHE A 98 -8.49 -6.34 -15.98
C PHE A 98 -7.52 -5.39 -16.60
N HIS A 99 -6.25 -5.53 -16.26
CA HIS A 99 -5.22 -4.71 -16.86
C HIS A 99 -4.40 -5.51 -17.89
N PHE A 100 -4.37 -5.00 -19.10
CA PHE A 100 -3.61 -5.65 -20.12
C PHE A 100 -2.18 -5.17 -20.02
N LEU A 101 -1.36 -5.98 -19.35
CA LEU A 101 0.05 -5.71 -19.12
C LEU A 101 0.93 -6.81 -19.69
N ALA A 102 2.23 -6.52 -19.79
CA ALA A 102 3.23 -7.53 -20.14
C ALA A 102 3.50 -8.41 -18.93
N LYS A 103 3.41 -9.71 -19.11
CA LYS A 103 3.76 -10.64 -18.05
C LYS A 103 5.25 -10.99 -18.16
N PHE A 104 5.77 -10.97 -19.38
CA PHE A 104 7.13 -11.43 -19.65
C PHE A 104 7.99 -10.43 -20.42
N TYR A 105 9.29 -10.42 -20.14
CA TYR A 105 10.15 -9.43 -20.80
C TYR A 105 11.08 -10.15 -21.79
N PRO A 106 11.34 -9.54 -22.97
CA PRO A 106 12.27 -10.21 -23.87
C PRO A 106 13.67 -10.00 -23.32
N GLU A 107 14.63 -10.86 -23.65
CA GLU A 107 16.03 -10.65 -23.25
C GLU A 107 16.62 -9.49 -24.03
N ASN A 108 16.09 -9.22 -25.23
CA ASN A 108 16.58 -8.14 -26.07
C ASN A 108 15.46 -7.55 -26.88
N ALA A 109 15.09 -6.33 -26.47
CA ALA A 109 13.93 -5.64 -26.97
C ALA A 109 14.08 -5.35 -28.46
N GLU A 110 15.18 -4.70 -28.82
CA GLU A 110 15.41 -4.28 -30.20
C GLU A 110 15.35 -5.46 -31.17
N GLU A 111 15.67 -6.65 -30.68
CA GLU A 111 15.69 -7.84 -31.53
C GLU A 111 14.36 -8.59 -31.57
N GLU A 112 13.56 -8.51 -30.51
CA GLU A 112 12.39 -9.38 -30.37
C GLU A 112 11.06 -8.65 -30.48
N LEU A 113 11.05 -7.37 -30.20
CA LEU A 113 9.80 -6.64 -30.33
C LEU A 113 9.63 -6.12 -31.76
N VAL A 114 9.12 -7.00 -32.62
CA VAL A 114 8.97 -6.72 -34.05
C VAL A 114 7.88 -5.68 -34.34
N GLN A 115 6.66 -5.98 -33.88
CA GLN A 115 5.51 -5.08 -34.10
C GLN A 115 5.60 -3.78 -33.32
N GLU A 116 5.31 -2.67 -33.99
CA GLU A 116 5.36 -1.38 -33.31
C GLU A 116 4.41 -1.30 -32.09
N ILE A 117 3.23 -1.93 -32.18
CA ILE A 117 2.32 -1.89 -31.03
C ILE A 117 2.94 -2.60 -29.80
N THR A 118 3.72 -3.65 -30.05
CA THR A 118 4.38 -4.37 -28.95
C THR A 118 5.42 -3.49 -28.28
N GLN A 119 6.22 -2.83 -29.11
CA GLN A 119 7.21 -1.88 -28.64
C GLN A 119 6.57 -0.86 -27.72
N HIS A 120 5.54 -0.19 -28.22
CA HIS A 120 4.84 0.88 -27.51
C HIS A 120 4.38 0.41 -26.11
N LEU A 121 3.49 -0.57 -26.06
CA LEU A 121 3.01 -1.12 -24.79
C LEU A 121 4.14 -1.39 -23.78
N PHE A 122 5.24 -1.98 -24.26
CA PHE A 122 6.41 -2.20 -23.39
C PHE A 122 6.98 -0.87 -22.91
N PHE A 123 7.16 0.05 -23.83
CA PHE A 123 7.72 1.33 -23.51
C PHE A 123 6.94 1.95 -22.36
N LEU A 124 5.64 2.12 -22.58
CA LEU A 124 4.76 2.72 -21.57
C LEU A 124 4.88 2.02 -20.20
N GLN A 125 4.77 0.69 -20.21
CA GLN A 125 4.77 -0.07 -18.97
C GLN A 125 6.11 0.09 -18.27
N VAL A 126 7.19 0.20 -19.04
CA VAL A 126 8.53 0.32 -18.48
C VAL A 126 8.76 1.71 -17.91
N LYS A 127 8.35 2.73 -18.67
CA LYS A 127 8.47 4.10 -18.17
C LYS A 127 7.69 4.27 -16.86
N LYS A 128 6.59 3.55 -16.72
CA LYS A 128 5.83 3.72 -15.51
C LYS A 128 6.54 3.11 -14.32
N GLN A 129 7.15 1.96 -14.54
CA GLN A 129 7.91 1.32 -13.48
C GLN A 129 9.13 2.14 -13.09
N ILE A 130 9.65 2.90 -14.05
CA ILE A 130 10.76 3.76 -13.71
C ILE A 130 10.31 4.98 -12.91
N LEU A 131 9.27 5.66 -13.34
CA LEU A 131 8.76 6.81 -12.58
C LEU A 131 8.19 6.40 -11.20
N ASP A 132 7.55 5.25 -11.10
CA ASP A 132 6.99 4.80 -9.82
C ASP A 132 8.05 4.10 -8.95
N GLU A 133 9.29 4.11 -9.43
CA GLU A 133 10.43 3.59 -8.69
C GLU A 133 10.36 2.09 -8.41
N LYS A 134 9.60 1.37 -9.20
CA LYS A 134 9.57 -0.09 -9.13
C LYS A 134 10.87 -0.66 -9.74
N ILE A 135 11.51 0.14 -10.58
CA ILE A 135 12.83 -0.16 -11.12
C ILE A 135 13.79 0.92 -10.66
N TYR A 136 14.89 0.53 -10.01
CA TYR A 136 15.88 1.54 -9.64
C TYR A 136 16.53 2.10 -10.91
N CYS A 137 16.93 3.36 -10.86
CA CYS A 137 17.47 4.01 -12.04
C CYS A 137 18.35 5.18 -11.62
N PRO A 138 19.66 5.09 -11.91
CA PRO A 138 20.60 6.17 -11.55
C PRO A 138 20.16 7.50 -12.15
N PRO A 139 20.47 8.60 -11.45
CA PRO A 139 20.07 9.95 -11.83
C PRO A 139 20.35 10.29 -13.29
N GLU A 140 21.46 9.78 -13.83
CA GLU A 140 21.91 10.23 -15.12
C GLU A 140 21.17 9.46 -16.19
N ALA A 141 20.73 8.27 -15.81
CA ALA A 141 20.02 7.40 -16.76
C ALA A 141 18.61 7.93 -16.82
N SER A 142 18.12 8.32 -15.66
CA SER A 142 16.80 8.91 -15.52
C SER A 142 16.68 10.16 -16.41
N VAL A 143 17.74 10.95 -16.49
CA VAL A 143 17.78 12.11 -17.40
C VAL A 143 17.76 11.70 -18.88
N LEU A 144 18.69 10.83 -19.28
CA LEU A 144 18.77 10.39 -20.65
C LEU A 144 17.45 9.72 -21.09
N LEU A 145 16.83 8.98 -20.17
CA LEU A 145 15.59 8.31 -20.50
C LEU A 145 14.55 9.36 -20.75
N ALA A 146 14.49 10.33 -19.84
CA ALA A 146 13.51 11.37 -19.93
C ALA A 146 13.69 12.07 -21.26
N SER A 147 14.92 12.40 -21.63
CA SER A 147 15.13 13.15 -22.87
C SER A 147 14.57 12.38 -24.06
N TYR A 148 14.57 11.06 -23.96
CA TYR A 148 13.98 10.24 -25.01
C TYR A 148 12.46 10.14 -24.86
N ALA A 149 11.96 9.99 -23.63
CA ALA A 149 10.50 9.96 -23.43
C ALA A 149 9.90 11.22 -24.00
N VAL A 150 10.61 12.32 -23.80
CA VAL A 150 10.22 13.61 -24.35
C VAL A 150 10.23 13.64 -25.88
N GLN A 151 11.30 13.14 -26.49
CA GLN A 151 11.40 13.15 -27.96
C GLN A 151 10.23 12.37 -28.61
N ALA A 152 9.91 11.21 -28.03
CA ALA A 152 8.81 10.41 -28.56
C ALA A 152 7.45 11.13 -28.48
N LYS A 153 7.16 11.76 -27.34
CA LYS A 153 5.91 12.47 -27.18
C LYS A 153 5.85 13.71 -28.06
N TYR A 154 6.95 14.46 -28.17
CA TYR A 154 6.88 15.80 -28.78
C TYR A 154 7.38 15.93 -30.22
N GLY A 155 8.05 14.90 -30.74
CA GLY A 155 8.71 15.04 -32.03
C GLY A 155 9.98 15.86 -31.88
N ASP A 156 10.54 16.33 -32.99
CA ASP A 156 11.76 17.13 -32.96
C ASP A 156 11.58 18.40 -32.13
N TYR A 157 12.68 18.93 -31.60
CA TYR A 157 12.61 20.13 -30.78
C TYR A 157 12.68 21.35 -31.67
N ASP A 158 11.62 22.16 -31.62
CA ASP A 158 11.54 23.45 -32.31
C ASP A 158 11.69 24.56 -31.28
N PRO A 159 12.81 25.30 -31.33
CA PRO A 159 13.08 26.33 -30.32
C PRO A 159 12.00 27.40 -30.35
N SER A 160 11.52 27.74 -31.54
CA SER A 160 10.41 28.68 -31.70
C SER A 160 9.11 28.17 -31.09
N VAL A 161 8.89 26.85 -31.17
CA VAL A 161 7.69 26.24 -30.60
C VAL A 161 7.84 25.90 -29.10
N HIS A 162 8.85 25.12 -28.77
CA HIS A 162 9.09 24.71 -27.39
C HIS A 162 9.82 25.79 -26.57
N LYS A 163 9.04 26.61 -25.86
CA LYS A 163 9.58 27.70 -25.05
C LYS A 163 9.66 27.31 -23.56
N ARG A 164 10.30 28.17 -22.77
CA ARG A 164 10.57 27.92 -21.35
C ARG A 164 9.39 27.28 -20.65
N GLY A 165 9.65 26.40 -19.71
CA GLY A 165 8.57 25.74 -19.00
C GLY A 165 7.62 24.86 -19.81
N PHE A 166 7.90 24.62 -21.09
CA PHE A 166 7.05 23.70 -21.88
C PHE A 166 7.03 22.26 -21.36
N LEU A 167 7.82 21.97 -20.33
CA LEU A 167 7.86 20.66 -19.70
C LEU A 167 7.49 20.72 -18.21
N ALA A 168 7.18 21.94 -17.75
CA ALA A 168 6.86 22.20 -16.33
C ALA A 168 5.69 21.41 -15.71
N GLN A 169 4.88 20.76 -16.54
CA GLN A 169 3.80 19.92 -16.02
C GLN A 169 3.92 18.52 -16.61
N GLU A 170 5.00 17.84 -16.30
CA GLU A 170 5.32 16.56 -16.90
C GLU A 170 6.10 15.75 -15.87
N GLU A 171 5.61 14.56 -15.52
CA GLU A 171 6.37 13.62 -14.70
C GLU A 171 7.61 13.19 -15.49
N LEU A 172 8.81 13.63 -15.10
CA LEU A 172 10.00 13.39 -15.92
C LEU A 172 11.02 12.47 -15.25
N LEU A 173 11.16 12.59 -13.93
CA LEU A 173 12.22 11.89 -13.19
C LEU A 173 11.62 11.22 -11.98
N PRO A 174 12.26 10.17 -11.50
CA PRO A 174 11.73 9.61 -10.26
C PRO A 174 11.93 10.61 -9.12
N LYS A 175 11.09 10.58 -8.09
CA LYS A 175 11.23 11.54 -7.00
C LYS A 175 12.56 11.33 -6.30
N ARG A 176 12.91 10.05 -6.07
CA ARG A 176 14.22 9.67 -5.52
C ARG A 176 15.39 10.45 -6.12
N VAL A 177 15.29 10.74 -7.42
CA VAL A 177 16.36 11.48 -8.08
C VAL A 177 16.27 13.01 -7.82
N ILE A 178 15.06 13.56 -7.82
CA ILE A 178 14.85 15.00 -7.68
C ILE A 178 15.35 15.51 -6.34
N ASN A 179 15.24 14.67 -5.31
CA ASN A 179 15.62 15.09 -3.97
C ASN A 179 16.92 14.47 -3.49
N LEU A 180 17.83 14.33 -4.43
CA LEU A 180 19.23 13.96 -4.17
C LEU A 180 20.09 15.14 -4.61
N TYR A 181 19.45 16.14 -5.23
CA TYR A 181 20.19 17.27 -5.76
C TYR A 181 19.61 18.60 -5.26
N GLN A 182 20.42 19.65 -5.29
CA GLN A 182 19.98 20.99 -5.01
C GLN A 182 19.70 21.57 -6.35
N MET A 183 18.56 21.14 -6.90
CA MET A 183 18.10 21.63 -8.19
C MET A 183 16.62 21.95 -8.23
N THR A 184 16.30 23.15 -8.70
CA THR A 184 14.94 23.53 -9.04
C THR A 184 14.48 22.69 -10.21
N PRO A 185 13.17 22.35 -10.23
CA PRO A 185 12.56 21.59 -11.33
C PRO A 185 12.88 22.21 -12.67
N GLU A 186 12.91 23.53 -12.76
CA GLU A 186 13.17 24.17 -14.04
C GLU A 186 14.56 23.82 -14.59
N MET A 187 15.54 23.63 -13.71
CA MET A 187 16.87 23.25 -14.16
C MET A 187 16.94 21.82 -14.74
N TRP A 188 16.33 20.85 -14.06
CA TRP A 188 16.16 19.53 -14.62
C TRP A 188 15.61 19.64 -16.03
N GLU A 189 14.48 20.35 -16.17
CA GLU A 189 13.81 20.53 -17.46
C GLU A 189 14.71 21.17 -18.49
N GLU A 190 15.67 21.97 -18.03
CA GLU A 190 16.68 22.54 -18.94
C GLU A 190 17.71 21.48 -19.35
N ARG A 191 18.13 20.66 -18.39
CA ARG A 191 19.07 19.56 -18.67
C ARG A 191 18.48 18.61 -19.71
N ILE A 192 17.26 18.19 -19.42
CA ILE A 192 16.53 17.25 -20.25
C ILE A 192 16.30 17.82 -21.65
N THR A 193 15.98 19.11 -21.71
CA THR A 193 15.79 19.77 -22.98
C THR A 193 17.08 19.73 -23.81
N ALA A 194 18.22 19.89 -23.14
CA ALA A 194 19.51 19.90 -23.82
C ALA A 194 19.74 18.60 -24.57
N TRP A 195 19.35 17.48 -23.95
CA TRP A 195 19.52 16.17 -24.59
C TRP A 195 18.40 15.87 -25.57
N TYR A 196 17.19 16.32 -25.23
CA TYR A 196 16.08 16.28 -26.17
C TYR A 196 16.51 16.85 -27.51
N ALA A 197 17.19 17.98 -27.51
CA ALA A 197 17.55 18.64 -28.75
C ALA A 197 18.48 17.76 -29.59
N GLU A 198 19.26 16.92 -28.92
CA GLU A 198 20.22 16.05 -29.61
C GLU A 198 19.52 14.93 -30.38
N HIS A 199 18.27 14.65 -30.00
CA HIS A 199 17.53 13.53 -30.60
C HIS A 199 16.80 13.96 -31.87
N ARG A 200 17.42 14.86 -32.61
CA ARG A 200 16.84 15.44 -33.81
C ARG A 200 16.61 14.34 -34.82
N GLY A 201 15.50 14.41 -35.55
CA GLY A 201 15.22 13.49 -36.63
C GLY A 201 14.75 12.11 -36.21
N ARG A 202 14.62 11.89 -34.90
CA ARG A 202 14.25 10.57 -34.38
C ARG A 202 12.73 10.38 -34.31
N ALA A 203 12.24 9.45 -35.12
CA ALA A 203 10.82 9.10 -35.16
C ALA A 203 10.36 8.60 -33.78
N ARG A 204 9.04 8.58 -33.56
CA ARG A 204 8.50 8.16 -32.29
C ARG A 204 9.02 6.77 -31.86
N ASP A 205 8.77 5.75 -32.67
CA ASP A 205 9.21 4.40 -32.34
C ASP A 205 10.73 4.29 -32.19
N GLU A 206 11.47 5.15 -32.89
CA GLU A 206 12.91 5.24 -32.72
C GLU A 206 13.26 5.64 -31.27
N ALA A 207 12.62 6.70 -30.79
CA ALA A 207 12.82 7.19 -29.42
C ALA A 207 12.42 6.18 -28.33
N GLU A 208 11.18 5.69 -28.39
CA GLU A 208 10.70 4.70 -27.41
C GLU A 208 11.62 3.48 -27.33
N MET A 209 12.20 3.09 -28.47
CA MET A 209 13.12 1.95 -28.50
C MET A 209 14.46 2.30 -27.89
N GLU A 210 14.93 3.51 -28.16
CA GLU A 210 16.13 4.00 -27.47
C GLU A 210 15.92 3.92 -25.97
N TYR A 211 14.79 4.44 -25.50
CA TYR A 211 14.35 4.27 -24.12
C TYR A 211 14.45 2.80 -23.67
N LEU A 212 13.83 1.89 -24.43
CA LEU A 212 13.89 0.45 -24.10
C LEU A 212 15.30 -0.09 -24.03
N LYS A 213 16.12 0.27 -25.01
CA LYS A 213 17.49 -0.22 -25.02
C LYS A 213 18.27 0.22 -23.77
N ILE A 214 18.00 1.42 -23.25
CA ILE A 214 18.68 1.87 -22.03
C ILE A 214 18.10 1.16 -20.82
N ALA A 215 16.78 1.24 -20.68
CA ALA A 215 16.06 0.69 -19.54
C ALA A 215 16.32 -0.80 -19.32
N GLN A 216 16.41 -1.56 -20.40
CA GLN A 216 16.63 -3.00 -20.28
C GLN A 216 18.04 -3.43 -19.76
N ASP A 217 18.98 -2.49 -19.62
CA ASP A 217 20.22 -2.80 -18.92
C ASP A 217 20.15 -2.46 -17.42
N LEU A 218 19.08 -1.81 -16.98
CA LEU A 218 18.91 -1.51 -15.55
C LEU A 218 18.86 -2.83 -14.77
N GLU A 219 19.65 -2.96 -13.72
CA GLU A 219 19.71 -4.22 -12.98
C GLU A 219 18.34 -4.75 -12.52
N MET A 220 17.42 -3.87 -12.14
CA MET A 220 16.11 -4.36 -11.68
C MET A 220 15.03 -4.57 -12.77
N TYR A 221 15.31 -4.12 -13.99
CA TYR A 221 14.38 -4.23 -15.11
C TYR A 221 13.94 -5.66 -15.35
N GLY A 222 12.63 -5.92 -15.31
CA GLY A 222 12.11 -7.22 -15.71
C GLY A 222 12.18 -8.30 -14.65
N VAL A 223 12.61 -7.92 -13.45
CA VAL A 223 12.77 -8.87 -12.36
C VAL A 223 11.51 -8.90 -11.49
N ASN A 224 10.88 -10.07 -11.34
CA ASN A 224 9.72 -10.23 -10.43
C ASN A 224 10.11 -10.62 -9.00
N TYR A 225 10.08 -9.66 -8.08
CA TYR A 225 10.49 -9.92 -6.70
C TYR A 225 9.44 -10.62 -5.85
N PHE A 226 9.91 -11.44 -4.92
CA PHE A 226 9.03 -12.07 -3.94
C PHE A 226 9.77 -12.23 -2.61
N ALA A 227 9.07 -12.06 -1.49
CA ALA A 227 9.65 -12.31 -0.17
C ALA A 227 9.70 -13.81 0.08
N ILE A 228 10.89 -14.31 0.42
CA ILE A 228 11.05 -15.70 0.83
C ILE A 228 11.94 -15.77 2.07
N ARG A 229 12.24 -16.99 2.51
CA ARG A 229 13.29 -17.26 3.49
C ARG A 229 13.84 -18.68 3.28
N ASN A 230 15.08 -18.93 3.69
CA ASN A 230 15.69 -20.25 3.40
C ASN A 230 15.46 -21.32 4.47
N LYS A 231 16.22 -22.41 4.40
CA LYS A 231 16.09 -23.52 5.34
C LYS A 231 16.26 -23.03 6.77
N LYS A 232 17.27 -22.19 6.98
CA LYS A 232 17.55 -21.63 8.31
C LYS A 232 16.49 -20.61 8.73
N GLY A 233 15.65 -20.17 7.81
CA GLY A 233 14.58 -19.26 8.18
C GLY A 233 14.91 -17.79 8.10
N THR A 234 16.08 -17.46 7.56
CA THR A 234 16.44 -16.05 7.39
C THR A 234 15.76 -15.44 6.16
N GLU A 235 15.22 -14.22 6.31
CA GLU A 235 14.44 -13.59 5.24
C GLU A 235 15.30 -13.22 4.02
N LEU A 236 14.81 -13.59 2.82
CA LEU A 236 15.51 -13.31 1.58
C LEU A 236 14.52 -12.86 0.51
N LEU A 237 15.04 -12.54 -0.69
CA LEU A 237 14.18 -12.21 -1.83
C LEU A 237 14.40 -13.14 -3.00
N LEU A 238 13.30 -13.62 -3.58
CA LEU A 238 13.39 -14.38 -4.80
C LEU A 238 13.18 -13.42 -5.95
N GLY A 239 13.88 -13.67 -7.06
CA GLY A 239 13.75 -12.86 -8.25
C GLY A 239 13.55 -13.77 -9.43
N VAL A 240 12.50 -13.56 -10.20
CA VAL A 240 12.29 -14.33 -11.42
C VAL A 240 12.33 -13.40 -12.62
N ASP A 241 13.02 -13.81 -13.68
CA ASP A 241 13.01 -13.06 -14.92
C ASP A 241 13.40 -13.90 -16.14
N ALA A 242 13.72 -13.24 -17.24
CA ALA A 242 13.94 -13.91 -18.50
C ALA A 242 15.21 -14.78 -18.45
N LEU A 243 16.10 -14.46 -17.52
CA LEU A 243 17.43 -15.03 -17.45
C LEU A 243 17.56 -16.20 -16.46
N GLY A 244 16.87 -16.09 -15.32
CA GLY A 244 16.77 -17.21 -14.39
C GLY A 244 16.12 -16.86 -13.07
N LEU A 245 16.38 -17.68 -12.05
CA LEU A 245 15.96 -17.38 -10.69
C LEU A 245 17.13 -16.78 -9.96
N HIS A 246 16.85 -15.76 -9.13
CA HIS A 246 17.91 -15.02 -8.44
C HIS A 246 17.60 -14.89 -6.96
N ILE A 247 18.64 -14.89 -6.11
CA ILE A 247 18.45 -14.74 -4.66
C ILE A 247 19.13 -13.46 -4.17
N TYR A 248 18.34 -12.60 -3.53
CA TYR A 248 18.84 -11.28 -3.11
C TYR A 248 18.82 -11.12 -1.60
N ASP A 249 19.75 -10.34 -1.08
CA ASP A 249 19.66 -9.86 0.29
C ASP A 249 18.62 -8.76 0.25
N PRO A 250 17.58 -8.84 1.12
CA PRO A 250 16.41 -7.93 1.14
C PRO A 250 16.78 -6.45 1.06
N GLU A 251 17.95 -6.11 1.56
CA GLU A 251 18.41 -4.74 1.46
C GLU A 251 18.94 -4.40 0.07
N ASN A 252 19.49 -5.39 -0.64
CA ASN A 252 20.06 -5.16 -1.97
C ASN A 252 19.32 -5.89 -3.11
N ARG A 253 18.58 -5.14 -3.92
CA ARG A 253 17.83 -5.71 -5.04
C ARG A 253 18.60 -5.55 -6.33
N LEU A 254 19.66 -4.74 -6.32
CA LEU A 254 20.46 -4.52 -7.53
C LEU A 254 21.32 -5.75 -7.87
N THR A 255 21.90 -6.38 -6.86
CA THR A 255 22.81 -7.50 -7.13
C THR A 255 22.47 -8.79 -6.37
N PRO A 256 21.94 -9.78 -7.10
CA PRO A 256 21.62 -11.08 -6.48
C PRO A 256 22.86 -11.72 -5.86
N LYS A 257 22.64 -12.48 -4.80
CA LYS A 257 23.69 -13.14 -4.08
C LYS A 257 23.98 -14.46 -4.79
N ILE A 258 22.94 -15.03 -5.38
CA ILE A 258 23.05 -16.29 -6.11
C ILE A 258 22.21 -16.16 -7.38
N SER A 259 22.73 -16.63 -8.51
CA SER A 259 21.92 -16.67 -9.71
C SER A 259 21.88 -18.07 -10.30
N PHE A 260 20.71 -18.46 -10.81
CA PHE A 260 20.51 -19.75 -11.45
C PHE A 260 19.95 -19.53 -12.84
N PRO A 261 20.79 -19.56 -13.87
CA PRO A 261 20.27 -19.43 -15.24
C PRO A 261 19.36 -20.59 -15.65
N TRP A 262 18.29 -20.32 -16.42
CA TRP A 262 17.37 -21.37 -16.85
C TRP A 262 18.00 -22.64 -17.46
N ASN A 263 18.93 -22.49 -18.39
CA ASN A 263 19.68 -23.62 -18.96
C ASN A 263 20.39 -24.52 -17.92
N GLU A 264 20.69 -23.94 -16.75
CA GLU A 264 21.35 -24.63 -15.64
C GLU A 264 20.41 -25.19 -14.55
N ILE A 265 19.11 -25.21 -14.80
CA ILE A 265 18.17 -25.76 -13.82
C ILE A 265 17.42 -26.93 -14.42
N ARG A 266 17.42 -28.08 -13.74
CA ARG A 266 16.68 -29.26 -14.20
C ARG A 266 15.19 -29.01 -14.13
N ASN A 267 14.75 -28.59 -12.94
CA ASN A 267 13.41 -28.05 -12.74
C ASN A 267 13.28 -27.53 -11.33
N ILE A 268 12.14 -26.91 -11.04
CA ILE A 268 11.81 -26.48 -9.69
C ILE A 268 10.56 -27.21 -9.24
N SER A 269 10.58 -27.66 -7.99
CA SER A 269 9.44 -28.34 -7.40
C SER A 269 8.82 -27.51 -6.28
N TYR A 270 7.50 -27.54 -6.19
CA TYR A 270 6.80 -26.89 -5.07
C TYR A 270 6.13 -27.93 -4.20
N SER A 271 6.25 -27.78 -2.89
CA SER A 271 5.59 -28.70 -1.97
C SER A 271 5.35 -28.06 -0.61
N ASP A 272 4.09 -27.75 -0.34
CA ASP A 272 3.66 -27.13 0.92
C ASP A 272 4.51 -25.93 1.35
N LYS A 273 4.29 -24.79 0.70
CA LYS A 273 5.02 -23.58 1.01
C LYS A 273 6.53 -23.77 0.90
N GLU A 274 6.97 -24.78 0.15
CA GLU A 274 8.39 -24.93 -0.11
C GLU A 274 8.73 -25.22 -1.56
N PHE A 275 9.68 -24.42 -2.08
CA PHE A 275 10.21 -24.64 -3.41
C PHE A 275 11.61 -25.25 -3.32
N THR A 276 11.95 -26.04 -4.33
CA THR A 276 13.29 -26.60 -4.45
C THR A 276 13.81 -26.42 -5.87
N ILE A 277 14.84 -25.61 -6.03
CA ILE A 277 15.51 -25.46 -7.32
C ILE A 277 16.45 -26.62 -7.52
N LYS A 278 16.09 -27.54 -8.42
CA LYS A 278 16.91 -28.72 -8.69
C LYS A 278 17.79 -28.42 -9.89
N PRO A 279 19.05 -28.06 -9.61
CA PRO A 279 20.06 -27.72 -10.62
C PRO A 279 20.38 -28.88 -11.56
N LEU A 280 20.81 -28.54 -12.75
CA LEU A 280 21.24 -29.49 -13.72
C LEU A 280 22.45 -30.33 -13.37
N ASP A 281 23.50 -29.73 -12.83
CA ASP A 281 24.69 -30.49 -12.52
C ASP A 281 24.35 -31.12 -11.25
N LYS A 282 24.33 -32.44 -11.24
CA LYS A 282 24.07 -33.14 -10.01
C LYS A 282 25.12 -32.72 -9.00
N LYS A 283 26.14 -32.10 -9.56
CA LYS A 283 27.24 -31.66 -8.77
C LYS A 283 26.72 -30.64 -7.79
N ILE A 284 25.86 -29.76 -8.25
CA ILE A 284 25.40 -28.66 -7.41
C ILE A 284 24.45 -29.05 -6.31
N ASP A 285 24.56 -28.42 -5.16
CA ASP A 285 23.58 -28.66 -4.10
C ASP A 285 22.25 -28.07 -4.49
N VAL A 286 21.17 -28.68 -4.06
CA VAL A 286 19.86 -28.20 -4.40
C VAL A 286 19.66 -26.92 -3.66
N PHE A 287 18.80 -26.06 -4.16
CA PHE A 287 18.50 -24.89 -3.33
C PHE A 287 17.06 -24.89 -2.88
N LYS A 288 16.85 -24.76 -1.58
CA LYS A 288 15.51 -24.84 -1.02
C LYS A 288 15.14 -23.55 -0.30
N PHE A 289 13.92 -23.07 -0.55
CA PHE A 289 13.41 -21.87 0.14
C PHE A 289 11.89 -21.88 0.43
N ASN A 290 11.44 -21.03 1.35
CA ASN A 290 10.02 -21.03 1.73
C ASN A 290 9.24 -19.74 1.50
N SER A 291 7.96 -19.89 1.16
CA SER A 291 7.03 -18.77 1.07
C SER A 291 5.69 -19.14 1.68
N SER A 292 5.15 -18.26 2.50
CA SER A 292 3.96 -18.56 3.29
C SER A 292 2.62 -18.37 2.53
N LYS A 293 2.60 -17.49 1.55
CA LYS A 293 1.36 -17.23 0.82
C LYS A 293 1.18 -18.15 -0.37
N LEU A 294 0.08 -18.90 -0.38
CA LEU A 294 -0.27 -19.80 -1.48
C LEU A 294 -0.43 -19.07 -2.81
N ARG A 295 -1.15 -17.96 -2.81
CA ARG A 295 -1.41 -17.21 -4.04
C ARG A 295 -0.13 -16.73 -4.69
N VAL A 296 0.79 -16.22 -3.88
CA VAL A 296 2.10 -15.84 -4.33
C VAL A 296 2.81 -17.04 -4.98
N ASN A 297 2.66 -18.20 -4.36
CA ASN A 297 3.32 -19.42 -4.84
C ASN A 297 2.87 -19.83 -6.23
N LYS A 298 1.57 -19.80 -6.50
CA LYS A 298 1.06 -20.14 -7.83
C LYS A 298 1.68 -19.17 -8.82
N LEU A 299 1.74 -17.91 -8.44
CA LEU A 299 2.28 -16.87 -9.31
C LEU A 299 3.73 -17.15 -9.68
N ILE A 300 4.57 -17.40 -8.66
CA ILE A 300 5.95 -17.78 -8.89
C ILE A 300 6.07 -18.98 -9.85
N LEU A 301 5.25 -19.99 -9.61
CA LEU A 301 5.24 -21.20 -10.41
C LEU A 301 4.88 -20.89 -11.86
N GLN A 302 3.84 -20.08 -12.07
CA GLN A 302 3.50 -19.65 -13.42
C GLN A 302 4.72 -18.95 -14.04
N LEU A 303 5.25 -17.95 -13.34
CA LEU A 303 6.37 -17.14 -13.82
C LEU A 303 7.62 -17.96 -14.13
N CYS A 304 7.90 -18.96 -13.31
CA CYS A 304 9.06 -19.82 -13.54
C CYS A 304 8.87 -20.61 -14.83
N ILE A 305 7.70 -21.19 -14.96
CA ILE A 305 7.41 -22.03 -16.09
C ILE A 305 7.53 -21.21 -17.36
N GLY A 306 6.77 -20.13 -17.46
CA GLY A 306 6.78 -19.26 -18.63
C GLY A 306 8.11 -18.61 -18.99
N ASN A 307 8.86 -18.16 -18.00
CA ASN A 307 10.15 -17.57 -18.30
C ASN A 307 11.09 -18.64 -18.85
N HIS A 308 11.01 -19.82 -18.27
CA HIS A 308 11.84 -20.93 -18.64
C HIS A 308 11.53 -21.34 -20.07
N ASP A 309 10.24 -21.43 -20.38
CA ASP A 309 9.79 -21.76 -21.72
C ASP A 309 10.40 -20.78 -22.74
N LEU A 310 10.05 -19.51 -22.61
CA LEU A 310 10.53 -18.48 -23.50
C LEU A 310 12.06 -18.48 -23.64
N PHE A 311 12.76 -18.80 -22.56
CA PHE A 311 14.22 -18.86 -22.58
C PHE A 311 14.68 -19.98 -23.50
N MET A 312 14.07 -21.15 -23.34
CA MET A 312 14.39 -22.29 -24.15
C MET A 312 14.01 -22.03 -25.61
N ARG A 313 12.89 -21.34 -25.84
CA ARG A 313 12.47 -21.03 -27.21
C ARG A 313 13.44 -20.10 -27.94
N ARG A 314 13.99 -19.11 -27.24
CA ARG A 314 14.95 -18.24 -27.86
C ARG A 314 16.13 -19.06 -28.38
N ARG A 315 16.52 -20.08 -27.61
CA ARG A 315 17.67 -20.92 -27.92
C ARG A 315 17.38 -22.04 -28.94
N LYS A 316 16.54 -21.76 -29.93
CA LYS A 316 16.24 -22.73 -30.99
C LYS A 316 15.70 -22.01 -32.24
N THR B 25 24.23 8.95 15.54
CA THR B 25 24.90 9.26 16.79
C THR B 25 23.92 9.24 17.97
N PHE B 26 22.62 9.20 17.66
CA PHE B 26 21.58 9.07 18.69
C PHE B 26 20.85 7.73 18.55
N THR B 27 20.34 7.21 19.67
CA THR B 27 19.60 5.94 19.67
C THR B 27 18.08 6.17 19.83
N VAL B 28 17.31 5.71 18.84
CA VAL B 28 15.86 5.91 18.82
C VAL B 28 15.05 4.60 18.87
N ARG B 29 14.23 4.46 19.91
CA ARG B 29 13.36 3.30 20.07
C ARG B 29 11.94 3.61 19.52
N ILE B 30 11.58 2.95 18.43
CA ILE B 30 10.27 3.16 17.81
C ILE B 30 9.27 2.08 18.20
N VAL B 31 8.28 2.43 19.03
CA VAL B 31 7.31 1.47 19.52
C VAL B 31 6.10 1.32 18.59
N THR B 32 5.81 0.07 18.21
CA THR B 32 4.64 -0.25 17.41
C THR B 32 3.67 -1.03 18.30
N MET B 33 2.47 -1.23 17.84
CA MET B 33 1.57 -1.96 18.64
C MET B 33 2.19 -3.29 18.83
N ASP B 34 2.78 -3.81 17.76
CA ASP B 34 3.39 -5.12 17.79
C ASP B 34 4.61 -5.30 18.63
N ALA B 35 5.53 -4.41 18.43
CA ALA B 35 6.91 -4.75 18.39
C ALA B 35 7.64 -3.61 18.98
N GLU B 36 8.96 -3.60 18.87
CA GLU B 36 9.65 -2.46 19.49
C GLU B 36 11.04 -2.40 18.86
N MET B 37 11.18 -1.69 17.74
CA MET B 37 12.47 -1.64 17.02
C MET B 37 13.40 -0.50 17.46
N GLU B 38 14.70 -0.69 17.23
CA GLU B 38 15.72 0.25 17.70
C GLU B 38 16.56 0.79 16.57
N PHE B 39 16.93 2.07 16.64
CA PHE B 39 17.63 2.72 15.55
C PHE B 39 18.78 3.63 15.97
N ASN B 40 19.72 3.82 15.05
CA ASN B 40 20.80 4.78 15.23
C ASN B 40 20.48 6.04 14.44
N CYS B 41 20.17 7.12 15.13
CA CYS B 41 19.77 8.36 14.48
C CYS B 41 20.95 9.12 13.89
N GLU B 42 20.70 9.76 12.76
CA GLU B 42 21.56 10.79 12.28
C GLU B 42 21.44 11.91 13.27
N MET B 43 22.51 12.67 13.45
CA MET B 43 22.44 13.77 14.42
C MET B 43 21.52 14.90 13.96
N LYS B 44 21.45 15.11 12.65
CA LYS B 44 20.65 16.20 12.12
C LYS B 44 19.46 15.72 11.29
N TRP B 45 19.15 14.42 11.38
CA TRP B 45 18.01 13.86 10.64
C TRP B 45 16.70 14.55 10.99
N LYS B 46 15.78 14.62 10.03
CA LYS B 46 14.47 15.22 10.28
C LYS B 46 13.39 14.14 10.41
N GLY B 47 12.15 14.56 10.57
CA GLY B 47 11.06 13.63 10.78
C GLY B 47 10.83 12.66 9.63
N LYS B 48 11.02 13.14 8.42
CA LYS B 48 10.80 12.33 7.23
C LYS B 48 11.84 11.21 7.08
N ASP B 49 13.10 11.48 7.44
CA ASP B 49 14.15 10.45 7.41
C ASP B 49 13.68 9.27 8.24
N LEU B 50 13.50 9.52 9.53
CA LEU B 50 13.06 8.53 10.49
C LEU B 50 11.80 7.80 10.05
N PHE B 51 10.81 8.57 9.62
CA PHE B 51 9.52 8.02 9.23
C PHE B 51 9.67 7.08 8.04
N ASP B 52 10.34 7.54 7.00
CA ASP B 52 10.46 6.75 5.79
C ASP B 52 11.30 5.51 6.02
N LEU B 53 12.21 5.62 6.99
CA LEU B 53 13.02 4.50 7.40
C LEU B 53 12.10 3.45 8.00
N VAL B 54 11.49 3.76 9.14
CA VAL B 54 10.56 2.87 9.82
C VAL B 54 9.59 2.17 8.85
N CYS B 55 9.01 2.92 7.93
CA CYS B 55 8.09 2.36 6.93
C CYS B 55 8.79 1.37 6.01
N ARG B 56 9.96 1.75 5.51
CA ARG B 56 10.80 0.84 4.74
C ARG B 56 11.09 -0.48 5.48
N THR B 57 11.52 -0.37 6.74
CA THR B 57 11.64 -1.52 7.64
C THR B 57 10.40 -2.42 7.66
N LEU B 58 9.22 -1.83 7.83
CA LEU B 58 7.95 -2.61 7.91
C LEU B 58 7.46 -3.12 6.55
N GLY B 59 7.94 -2.52 5.46
CA GLY B 59 7.46 -2.88 4.14
C GLY B 59 6.09 -2.27 3.91
N LEU B 60 5.92 -1.05 4.44
CA LEU B 60 4.65 -0.33 4.38
C LEU B 60 4.64 0.69 3.25
N ARG B 61 3.79 0.48 2.26
CA ARG B 61 3.57 1.45 1.18
C ARG B 61 2.42 2.43 1.43
N GLU B 62 1.48 2.07 2.30
CA GLU B 62 0.31 2.92 2.59
C GLU B 62 0.55 3.81 3.81
N THR B 63 1.50 4.72 3.68
CA THR B 63 2.09 5.41 4.83
C THR B 63 1.27 6.57 5.38
N TRP B 64 0.51 7.23 4.51
CA TRP B 64 -0.21 8.47 4.85
C TRP B 64 -1.06 8.39 6.11
N PHE B 65 -1.65 7.22 6.37
CA PHE B 65 -2.45 6.99 7.57
C PHE B 65 -1.67 7.12 8.87
N PHE B 66 -0.34 7.03 8.79
CA PHE B 66 0.48 6.79 9.96
C PHE B 66 1.36 7.98 10.31
N GLY B 67 2.01 7.89 11.47
CA GLY B 67 2.97 8.88 11.90
C GLY B 67 3.65 8.44 13.19
N LEU B 68 4.48 9.32 13.76
CA LEU B 68 5.31 8.96 14.90
C LEU B 68 4.99 9.86 16.07
N GLN B 69 4.63 9.27 17.20
CA GLN B 69 3.94 10.00 18.26
C GLN B 69 4.64 9.91 19.63
N TYR B 70 4.47 10.96 20.43
CA TYR B 70 4.93 10.99 21.83
C TYR B 70 4.00 11.89 22.62
N THR B 71 4.23 11.99 23.93
CA THR B 71 3.37 12.81 24.77
C THR B 71 4.08 13.94 25.53
N ILE B 72 3.92 15.17 25.05
CA ILE B 72 4.40 16.37 25.75
C ILE B 72 3.35 16.88 26.73
N LYS B 73 3.77 17.28 27.93
CA LYS B 73 2.83 17.66 28.99
C LYS B 73 1.92 16.45 29.24
N ASP B 74 0.61 16.65 29.12
CA ASP B 74 -0.32 15.52 29.19
C ASP B 74 -1.14 15.39 27.91
N THR B 75 -0.62 15.93 26.80
CA THR B 75 -1.28 15.88 25.50
C THR B 75 -0.39 15.19 24.45
N VAL B 76 -0.97 14.60 23.39
CA VAL B 76 -0.16 13.89 22.39
C VAL B 76 0.35 14.78 21.26
N ALA B 77 1.50 14.42 20.71
CA ALA B 77 2.11 15.20 19.66
C ALA B 77 2.61 14.28 18.54
N TRP B 78 2.62 14.79 17.32
CA TRP B 78 3.10 14.02 16.20
C TRP B 78 4.38 14.65 15.66
N LEU B 79 5.31 13.80 15.24
CA LEU B 79 6.56 14.26 14.66
C LEU B 79 6.27 14.94 13.33
N LYS B 80 6.70 16.19 13.18
CA LYS B 80 6.58 16.91 11.91
C LYS B 80 7.62 16.40 10.94
N MET B 81 7.26 16.33 9.67
CA MET B 81 8.11 15.69 8.67
C MET B 81 9.41 16.42 8.38
N ASP B 82 9.30 17.72 8.15
CA ASP B 82 10.47 18.52 7.80
C ASP B 82 11.01 19.34 8.97
N LYS B 83 11.00 18.75 10.17
CA LYS B 83 11.58 19.40 11.35
C LYS B 83 12.62 18.47 11.95
N LYS B 84 13.81 18.99 12.21
CA LYS B 84 14.91 18.18 12.76
C LYS B 84 14.44 17.47 14.02
N VAL B 85 14.52 16.14 14.01
CA VAL B 85 14.02 15.30 15.08
C VAL B 85 14.25 15.84 16.50
N LEU B 86 15.46 16.34 16.77
CA LEU B 86 15.82 16.69 18.15
C LEU B 86 15.20 18.02 18.58
N ASP B 87 14.84 18.85 17.61
CA ASP B 87 14.16 20.09 17.88
C ASP B 87 12.85 19.85 18.63
N HIS B 88 12.08 18.84 18.19
CA HIS B 88 10.80 18.49 18.80
C HIS B 88 10.91 18.42 20.32
N ASP B 89 9.90 18.93 21.03
CA ASP B 89 9.95 18.97 22.50
C ASP B 89 9.65 17.63 23.19
N VAL B 90 10.05 16.53 22.57
CA VAL B 90 9.99 15.20 23.20
C VAL B 90 11.14 15.01 24.19
N SER B 91 10.88 14.37 25.31
CA SER B 91 11.89 14.28 26.31
C SER B 91 13.08 13.61 25.72
N LYS B 92 14.25 14.11 26.02
CA LYS B 92 15.41 13.39 25.61
C LYS B 92 15.36 12.48 26.78
N GLU B 93 14.73 11.34 26.59
CA GLU B 93 14.19 10.61 27.69
C GLU B 93 15.35 10.27 28.56
N GLU B 94 16.43 9.81 27.96
CA GLU B 94 16.41 9.02 26.77
C GLU B 94 16.17 7.64 27.35
N PRO B 95 16.08 6.50 26.52
CA PRO B 95 16.39 6.72 25.11
C PRO B 95 15.23 7.35 24.47
N VAL B 96 15.41 7.79 23.26
CA VAL B 96 14.37 8.43 22.56
C VAL B 96 13.37 7.41 22.26
N THR B 97 12.16 7.86 22.10
CA THR B 97 11.19 7.02 21.48
C THR B 97 10.02 7.71 20.93
N PHE B 98 9.46 7.06 19.95
CA PHE B 98 8.23 7.47 19.31
C PHE B 98 7.33 6.27 19.05
N HIS B 99 6.03 6.46 19.22
CA HIS B 99 5.12 5.37 18.92
C HIS B 99 4.59 5.46 17.49
N PHE B 100 4.91 4.44 16.68
CA PHE B 100 4.30 4.31 15.36
C PHE B 100 2.83 3.94 15.57
N LEU B 101 1.94 4.85 15.16
CA LEU B 101 0.51 4.65 15.28
C LEU B 101 -0.21 5.19 14.05
N ALA B 102 -1.46 4.77 13.88
CA ALA B 102 -2.31 5.35 12.86
C ALA B 102 -2.93 6.69 13.34
N LYS B 103 -2.73 7.72 12.53
CA LYS B 103 -3.16 9.07 12.83
C LYS B 103 -4.52 9.32 12.19
N PHE B 104 -4.71 8.78 10.99
CA PHE B 104 -5.98 8.89 10.28
C PHE B 104 -6.59 7.52 9.93
N TYR B 105 -7.92 7.45 9.98
CA TYR B 105 -8.62 6.20 9.72
C TYR B 105 -9.31 6.25 8.36
N PRO B 106 -9.25 5.15 7.57
CA PRO B 106 -9.94 5.13 6.28
C PRO B 106 -11.44 5.07 6.52
N GLU B 107 -12.23 5.61 5.59
CA GLU B 107 -13.69 5.61 5.69
C GLU B 107 -14.26 4.23 5.53
N ASN B 108 -13.50 3.37 4.86
CA ASN B 108 -13.90 1.98 4.61
C ASN B 108 -12.65 1.13 4.47
N ALA B 109 -12.37 0.37 5.51
CA ALA B 109 -11.14 -0.39 5.60
C ALA B 109 -10.97 -1.41 4.47
N GLU B 110 -12.08 -1.94 3.98
CA GLU B 110 -12.04 -3.03 3.02
C GLU B 110 -11.47 -2.53 1.69
N GLU B 111 -12.05 -1.46 1.15
CA GLU B 111 -11.56 -0.89 -0.08
C GLU B 111 -10.17 -0.27 0.09
N GLU B 112 -9.96 0.42 1.21
CA GLU B 112 -8.80 1.30 1.36
C GLU B 112 -7.46 0.71 1.85
N LEU B 113 -7.51 -0.28 2.74
CA LEU B 113 -6.29 -0.86 3.31
C LEU B 113 -5.88 -2.09 2.51
N VAL B 114 -4.99 -1.90 1.54
CA VAL B 114 -4.61 -2.98 0.64
C VAL B 114 -3.61 -3.98 1.22
N GLN B 115 -2.54 -3.50 1.85
CA GLN B 115 -1.48 -4.38 2.38
C GLN B 115 -1.88 -5.10 3.66
N GLU B 116 -1.27 -6.25 3.91
CA GLU B 116 -1.54 -6.99 5.14
C GLU B 116 -0.98 -6.28 6.37
N ILE B 117 0.21 -5.68 6.26
CA ILE B 117 0.80 -4.98 7.42
C ILE B 117 -0.01 -3.73 7.77
N THR B 118 -0.47 -3.04 6.72
CA THR B 118 -1.37 -1.91 6.88
C THR B 118 -2.59 -2.34 7.69
N GLN B 119 -3.21 -3.44 7.29
CA GLN B 119 -4.40 -3.95 7.96
C GLN B 119 -4.08 -4.44 9.36
N HIS B 120 -3.00 -5.21 9.48
CA HIS B 120 -2.63 -5.75 10.76
C HIS B 120 -2.41 -4.63 11.79
N LEU B 121 -1.65 -3.60 11.43
CA LEU B 121 -1.38 -2.49 12.35
C LEU B 121 -2.70 -1.85 12.83
N PHE B 122 -3.60 -1.62 11.89
CA PHE B 122 -4.92 -1.14 12.23
C PHE B 122 -5.67 -2.09 13.16
N PHE B 123 -5.72 -3.38 12.80
CA PHE B 123 -6.35 -4.37 13.64
C PHE B 123 -5.94 -4.27 15.12
N LEU B 124 -4.63 -4.31 15.38
CA LEU B 124 -4.10 -4.28 16.75
C LEU B 124 -4.46 -3.01 17.54
N GLN B 125 -4.30 -1.85 16.89
CA GLN B 125 -4.60 -0.55 17.51
C GLN B 125 -6.09 -0.41 17.84
N VAL B 126 -6.94 -0.76 16.87
CA VAL B 126 -8.38 -0.74 17.07
C VAL B 126 -8.80 -1.70 18.18
N LYS B 127 -8.30 -2.93 18.15
CA LYS B 127 -8.63 -3.90 19.20
C LYS B 127 -8.25 -3.36 20.58
N LYS B 128 -7.12 -2.65 20.65
CA LYS B 128 -6.70 -2.00 21.90
C LYS B 128 -7.71 -0.97 22.39
N GLN B 129 -8.19 -0.15 21.46
CA GLN B 129 -9.18 0.88 21.76
C GLN B 129 -10.50 0.31 22.30
N ILE B 130 -10.94 -0.82 21.74
CA ILE B 130 -12.11 -1.52 22.23
C ILE B 130 -11.84 -2.04 23.63
N LEU B 131 -10.74 -2.76 23.80
CA LEU B 131 -10.47 -3.43 25.09
C LEU B 131 -10.17 -2.45 26.22
N ASP B 132 -9.35 -1.44 25.92
CA ASP B 132 -9.10 -0.36 26.87
C ASP B 132 -10.31 0.56 26.99
N GLU B 133 -11.39 0.25 26.26
CA GLU B 133 -12.64 1.02 26.33
C GLU B 133 -12.52 2.46 25.86
N LYS B 134 -11.48 2.78 25.10
CA LYS B 134 -11.35 4.11 24.52
C LYS B 134 -12.41 4.29 23.43
N ILE B 135 -12.94 3.17 22.93
CA ILE B 135 -14.03 3.16 21.95
C ILE B 135 -15.22 2.42 22.57
N TYR B 136 -16.41 3.03 22.50
CA TYR B 136 -17.58 2.35 23.03
C TYR B 136 -17.98 1.19 22.15
N CYS B 137 -18.27 0.06 22.78
CA CYS B 137 -18.69 -1.12 22.06
C CYS B 137 -19.83 -1.78 22.79
N PRO B 138 -20.95 -2.03 22.09
CA PRO B 138 -22.03 -2.75 22.76
C PRO B 138 -21.58 -4.19 23.11
N PRO B 139 -22.31 -4.82 24.04
CA PRO B 139 -22.00 -6.20 24.43
C PRO B 139 -22.04 -7.19 23.25
N GLU B 140 -23.12 -7.20 22.47
CA GLU B 140 -23.21 -8.20 21.39
C GLU B 140 -22.01 -8.15 20.45
N ALA B 141 -21.65 -6.94 20.02
CA ALA B 141 -20.52 -6.76 19.12
C ALA B 141 -19.22 -7.27 19.74
N SER B 142 -19.03 -6.95 21.02
CA SER B 142 -17.82 -7.29 21.75
C SER B 142 -17.57 -8.78 21.67
N VAL B 143 -18.66 -9.55 21.73
CA VAL B 143 -18.57 -10.99 21.56
C VAL B 143 -18.11 -11.30 20.14
N LEU B 144 -18.83 -10.78 19.15
CA LEU B 144 -18.50 -11.06 17.77
C LEU B 144 -17.08 -10.63 17.40
N LEU B 145 -16.62 -9.52 17.97
CA LEU B 145 -15.26 -9.05 17.74
C LEU B 145 -14.28 -10.04 18.36
N ALA B 146 -14.56 -10.37 19.62
CA ALA B 146 -13.76 -11.33 20.35
C ALA B 146 -13.61 -12.60 19.54
N SER B 147 -14.70 -13.03 18.90
CA SER B 147 -14.69 -14.28 18.18
C SER B 147 -13.71 -14.20 17.01
N TYR B 148 -13.85 -13.18 16.16
CA TYR B 148 -12.95 -13.05 15.01
C TYR B 148 -11.48 -12.92 15.41
N ALA B 149 -11.23 -12.29 16.57
CA ALA B 149 -9.87 -12.09 17.07
C ALA B 149 -9.24 -13.42 17.42
N VAL B 150 -9.99 -14.27 18.10
CA VAL B 150 -9.54 -15.62 18.38
C VAL B 150 -9.15 -16.41 17.11
N GLN B 151 -9.98 -16.36 16.09
CA GLN B 151 -9.67 -16.96 14.78
C GLN B 151 -8.42 -16.35 14.13
N ALA B 152 -8.28 -15.03 14.19
CA ALA B 152 -7.10 -14.36 13.65
C ALA B 152 -5.84 -14.85 14.34
N LYS B 153 -5.98 -15.24 15.59
CA LYS B 153 -4.80 -15.66 16.35
C LYS B 153 -4.51 -17.16 16.28
N TYR B 154 -5.55 -17.99 16.48
CA TYR B 154 -5.41 -19.43 16.62
C TYR B 154 -5.71 -20.22 15.34
N GLY B 155 -6.01 -19.54 14.23
CA GLY B 155 -6.43 -20.23 13.02
C GLY B 155 -7.80 -20.90 13.17
N ASP B 156 -8.15 -21.80 12.27
CA ASP B 156 -9.39 -22.57 12.38
C ASP B 156 -9.52 -23.31 13.73
N TYR B 157 -10.74 -23.39 14.24
CA TYR B 157 -11.03 -24.03 15.53
C TYR B 157 -10.92 -25.54 15.44
N ASP B 158 -10.34 -26.14 16.47
CA ASP B 158 -10.21 -27.59 16.56
C ASP B 158 -10.43 -28.01 18.01
N PRO B 159 -11.45 -28.88 18.25
CA PRO B 159 -11.72 -29.33 19.62
C PRO B 159 -10.56 -30.19 20.17
N SER B 160 -9.80 -30.80 19.26
CA SER B 160 -8.60 -31.55 19.64
C SER B 160 -7.51 -30.64 20.22
N VAL B 161 -7.34 -29.45 19.62
CA VAL B 161 -6.32 -28.49 20.03
C VAL B 161 -6.78 -27.49 21.12
N HIS B 162 -7.89 -26.79 20.87
CA HIS B 162 -8.29 -25.72 21.76
C HIS B 162 -9.38 -26.26 22.59
N LYS B 163 -9.30 -25.99 23.87
CA LYS B 163 -10.09 -26.71 24.80
C LYS B 163 -10.47 -25.95 26.01
N ARG B 164 -11.21 -26.65 26.84
CA ARG B 164 -12.18 -26.05 27.64
C ARG B 164 -11.39 -25.40 28.69
N GLY B 165 -10.85 -24.26 28.34
CA GLY B 165 -10.12 -23.45 29.28
C GLY B 165 -9.09 -22.62 28.60
N PHE B 166 -9.16 -22.59 27.30
CA PHE B 166 -8.01 -22.26 26.58
C PHE B 166 -7.79 -20.80 26.37
N LEU B 167 -8.55 -20.00 27.08
CA LEU B 167 -8.39 -18.58 26.93
C LEU B 167 -8.41 -17.90 28.24
N ALA B 168 -8.24 -18.67 29.28
CA ALA B 168 -8.43 -18.18 30.61
C ALA B 168 -7.50 -17.03 30.83
N GLN B 169 -6.44 -16.97 30.06
CA GLN B 169 -5.52 -15.88 30.19
C GLN B 169 -5.65 -14.84 29.12
N GLU B 170 -6.62 -15.02 28.23
CA GLU B 170 -6.81 -14.05 27.18
C GLU B 170 -7.64 -12.88 27.59
N GLU B 171 -7.22 -11.69 27.23
CA GLU B 171 -8.04 -10.52 27.50
C GLU B 171 -9.04 -10.41 26.36
N LEU B 172 -10.31 -10.67 26.66
CA LEU B 172 -11.28 -10.88 25.59
C LEU B 172 -12.27 -9.73 25.39
N LEU B 173 -12.84 -9.22 26.48
CA LEU B 173 -13.93 -8.27 26.38
C LEU B 173 -13.69 -7.08 27.28
N PRO B 174 -14.31 -5.92 26.95
CA PRO B 174 -14.11 -4.78 27.85
C PRO B 174 -14.83 -4.99 29.16
N LYS B 175 -14.21 -4.55 30.26
CA LYS B 175 -14.80 -4.69 31.58
C LYS B 175 -16.23 -4.14 31.66
N ARG B 176 -16.50 -3.05 30.93
CA ARG B 176 -17.86 -2.48 30.91
C ARG B 176 -18.88 -3.51 30.50
N VAL B 177 -18.54 -4.34 29.52
CA VAL B 177 -19.42 -5.42 29.07
C VAL B 177 -19.59 -6.46 30.19
N ILE B 178 -18.46 -6.86 30.77
CA ILE B 178 -18.43 -7.94 31.77
C ILE B 178 -19.33 -7.67 32.98
N ASN B 179 -19.40 -6.41 33.38
CA ASN B 179 -20.08 -6.01 34.60
C ASN B 179 -21.56 -5.80 34.37
N LEU B 180 -21.96 -5.89 33.11
CA LEU B 180 -23.35 -5.63 32.75
C LEU B 180 -24.13 -6.92 32.90
N TYR B 181 -23.41 -8.02 32.89
CA TYR B 181 -24.08 -9.31 32.90
C TYR B 181 -23.62 -10.12 34.10
N GLN B 182 -24.29 -11.24 34.35
CA GLN B 182 -23.82 -12.17 35.36
C GLN B 182 -23.42 -13.47 34.67
N MET B 183 -22.18 -13.50 34.20
CA MET B 183 -21.64 -14.70 33.60
C MET B 183 -20.23 -14.95 34.10
N THR B 184 -19.96 -16.19 34.48
CA THR B 184 -18.61 -16.60 34.82
C THR B 184 -17.74 -16.50 33.56
N PRO B 185 -16.47 -16.09 33.74
CA PRO B 185 -15.47 -16.03 32.67
C PRO B 185 -15.48 -17.26 31.75
N GLU B 186 -15.82 -18.42 32.30
CA GLU B 186 -15.92 -19.63 31.49
C GLU B 186 -17.18 -19.62 30.61
N MET B 187 -18.28 -19.06 31.11
CA MET B 187 -19.47 -18.88 30.30
C MET B 187 -19.22 -17.95 29.12
N TRP B 188 -18.53 -16.84 29.38
CA TRP B 188 -18.13 -15.92 28.31
C TRP B 188 -17.25 -16.67 27.31
N GLU B 189 -16.29 -17.43 27.82
CA GLU B 189 -15.43 -18.24 27.00
C GLU B 189 -16.28 -19.17 26.13
N GLU B 190 -17.27 -19.81 26.75
CA GLU B 190 -18.14 -20.75 26.05
C GLU B 190 -18.88 -20.11 24.88
N ARG B 191 -19.46 -18.93 25.11
CA ARG B 191 -20.19 -18.20 24.09
C ARG B 191 -19.31 -17.76 22.94
N ILE B 192 -18.18 -17.14 23.27
CA ILE B 192 -17.18 -16.69 22.30
C ILE B 192 -16.64 -17.84 21.45
N THR B 193 -16.39 -18.99 22.08
CA THR B 193 -15.82 -20.12 21.35
C THR B 193 -16.81 -20.61 20.29
N ALA B 194 -18.09 -20.59 20.65
CA ALA B 194 -19.18 -21.01 19.76
C ALA B 194 -19.14 -20.28 18.42
N TRP B 195 -18.98 -18.97 18.47
CA TRP B 195 -19.02 -18.15 17.27
C TRP B 195 -17.70 -18.24 16.54
N TYR B 196 -16.62 -18.38 17.32
CA TYR B 196 -15.30 -18.68 16.81
C TYR B 196 -15.42 -19.91 15.88
N ALA B 197 -16.07 -20.96 16.37
CA ALA B 197 -16.25 -22.18 15.59
C ALA B 197 -16.80 -21.95 14.18
N GLU B 198 -17.70 -20.98 14.04
CA GLU B 198 -18.30 -20.65 12.74
C GLU B 198 -17.35 -19.93 11.80
N HIS B 199 -16.07 -19.86 12.15
CA HIS B 199 -15.09 -19.10 11.36
C HIS B 199 -14.06 -19.97 10.63
N ARG B 200 -14.39 -21.22 10.33
CA ARG B 200 -13.49 -22.10 9.58
C ARG B 200 -13.25 -21.62 8.16
N GLY B 201 -11.99 -21.52 7.76
CA GLY B 201 -11.64 -21.06 6.43
C GLY B 201 -10.99 -19.68 6.41
N ARG B 202 -11.47 -18.79 7.29
CA ARG B 202 -10.95 -17.42 7.38
C ARG B 202 -9.50 -17.39 7.84
N ALA B 203 -8.63 -16.86 6.98
CA ALA B 203 -7.22 -16.70 7.33
C ALA B 203 -7.08 -15.54 8.33
N ARG B 204 -6.06 -15.62 9.18
CA ARG B 204 -5.77 -14.60 10.18
C ARG B 204 -5.95 -13.19 9.64
N ASP B 205 -5.48 -12.95 8.41
CA ASP B 205 -5.60 -11.63 7.82
C ASP B 205 -7.04 -11.24 7.52
N GLU B 206 -7.82 -12.19 7.01
CA GLU B 206 -9.21 -11.95 6.65
C GLU B 206 -10.10 -11.82 7.89
N ALA B 207 -9.79 -12.58 8.94
CA ALA B 207 -10.52 -12.46 10.17
C ALA B 207 -10.31 -11.04 10.71
N GLU B 208 -9.04 -10.63 10.80
CA GLU B 208 -8.71 -9.29 11.22
C GLU B 208 -9.51 -8.22 10.48
N MET B 209 -9.81 -8.45 9.20
CA MET B 209 -10.54 -7.48 8.41
C MET B 209 -12.03 -7.49 8.75
N GLU B 210 -12.57 -8.67 9.03
CA GLU B 210 -13.93 -8.80 9.50
C GLU B 210 -14.11 -7.99 10.79
N TYR B 211 -13.14 -8.11 11.68
CA TYR B 211 -13.11 -7.33 12.91
C TYR B 211 -13.24 -5.87 12.55
N LEU B 212 -12.34 -5.39 11.69
CA LEU B 212 -12.34 -3.97 11.32
C LEU B 212 -13.65 -3.58 10.67
N LYS B 213 -14.19 -4.46 9.83
CA LYS B 213 -15.43 -4.17 9.13
C LYS B 213 -16.53 -3.91 10.14
N ILE B 214 -16.60 -4.72 11.18
CA ILE B 214 -17.52 -4.51 12.29
C ILE B 214 -17.13 -3.25 13.06
N ALA B 215 -15.92 -3.26 13.63
CA ALA B 215 -15.43 -2.18 14.47
C ALA B 215 -15.67 -0.80 13.85
N GLN B 216 -15.37 -0.65 12.57
CA GLN B 216 -15.46 0.65 11.94
C GLN B 216 -16.88 1.23 11.89
N ASP B 217 -17.90 0.44 12.27
CA ASP B 217 -19.27 0.97 12.32
C ASP B 217 -19.66 1.50 13.70
N LEU B 218 -18.88 1.15 14.70
CA LEU B 218 -19.01 1.76 16.03
C LEU B 218 -18.96 3.28 15.87
N GLU B 219 -19.87 3.99 16.55
CA GLU B 219 -19.99 5.43 16.32
C GLU B 219 -18.78 6.22 16.83
N MET B 220 -18.06 5.67 17.80
CA MET B 220 -16.87 6.35 18.34
C MET B 220 -15.56 6.04 17.59
N TYR B 221 -15.61 5.06 16.71
CA TYR B 221 -14.48 4.68 15.86
C TYR B 221 -13.80 5.84 15.10
N GLY B 222 -12.48 5.92 15.19
CA GLY B 222 -11.73 6.85 14.36
C GLY B 222 -11.94 8.31 14.67
N VAL B 223 -12.50 8.58 15.86
CA VAL B 223 -12.88 9.92 16.27
C VAL B 223 -11.92 10.47 17.32
N ASN B 224 -11.31 11.62 17.04
CA ASN B 224 -10.47 12.33 18.00
C ASN B 224 -11.29 13.40 18.72
N TYR B 225 -11.52 13.21 20.02
CA TYR B 225 -12.30 14.16 20.80
C TYR B 225 -11.43 15.20 21.51
N PHE B 226 -11.95 16.42 21.64
CA PHE B 226 -11.28 17.44 22.45
C PHE B 226 -12.28 18.21 23.32
N ALA B 227 -11.83 18.62 24.51
CA ALA B 227 -12.60 19.49 25.38
C ALA B 227 -12.66 20.90 24.78
N ILE B 228 -13.87 21.44 24.67
CA ILE B 228 -14.10 22.77 24.10
C ILE B 228 -15.27 23.47 24.79
N ARG B 229 -15.38 24.77 24.61
CA ARG B 229 -16.50 25.52 25.17
C ARG B 229 -17.17 26.33 24.05
N ASN B 230 -18.49 26.46 24.08
CA ASN B 230 -19.12 27.34 23.09
C ASN B 230 -19.01 28.80 23.50
N LYS B 231 -19.78 29.66 22.83
CA LYS B 231 -19.72 31.09 23.14
C LYS B 231 -20.31 31.47 24.48
N LYS B 232 -21.49 30.94 24.81
CA LYS B 232 -22.02 31.10 26.16
C LYS B 232 -21.12 30.48 27.22
N GLY B 233 -20.10 29.73 26.77
CA GLY B 233 -19.11 29.11 27.65
C GLY B 233 -19.55 27.79 28.25
N THR B 234 -20.45 27.09 27.58
CA THR B 234 -20.88 25.76 28.05
C THR B 234 -19.96 24.63 27.56
N GLU B 235 -19.73 23.65 28.43
CA GLU B 235 -18.82 22.54 28.12
C GLU B 235 -19.33 21.71 26.94
N LEU B 236 -18.48 21.50 25.96
CA LEU B 236 -18.86 20.70 24.78
C LEU B 236 -17.69 19.82 24.35
N LEU B 237 -17.96 18.91 23.43
CA LEU B 237 -16.90 18.08 22.84
C LEU B 237 -16.78 18.30 21.34
N LEU B 238 -15.55 18.44 20.87
CA LEU B 238 -15.30 18.49 19.46
C LEU B 238 -14.81 17.11 19.05
N GLY B 239 -15.38 16.58 17.97
CA GLY B 239 -14.88 15.35 17.39
C GLY B 239 -14.27 15.70 16.05
N VAL B 240 -13.08 15.16 15.76
CA VAL B 240 -12.52 15.26 14.43
C VAL B 240 -12.33 13.85 13.88
N ASP B 241 -12.95 13.56 12.74
CA ASP B 241 -12.76 12.24 12.15
C ASP B 241 -12.74 12.29 10.61
N ALA B 242 -12.78 11.13 9.98
CA ALA B 242 -12.71 11.08 8.54
C ALA B 242 -13.93 11.75 7.86
N LEU B 243 -15.12 11.55 8.41
CA LEU B 243 -16.32 12.13 7.81
C LEU B 243 -16.42 13.65 7.89
N GLY B 244 -15.91 14.24 8.98
CA GLY B 244 -16.00 15.69 9.13
C GLY B 244 -15.73 16.15 10.55
N LEU B 245 -16.49 17.15 10.98
CA LEU B 245 -16.41 17.70 12.33
C LEU B 245 -17.75 17.59 13.05
N HIS B 246 -17.70 17.19 14.31
CA HIS B 246 -18.90 16.91 15.06
C HIS B 246 -18.83 17.58 16.43
N ILE B 247 -19.99 18.06 16.91
CA ILE B 247 -20.04 18.62 18.25
C ILE B 247 -20.94 17.77 19.13
N TYR B 248 -20.45 17.42 20.32
CA TYR B 248 -21.16 16.49 21.20
C TYR B 248 -21.52 17.14 22.53
N ASP B 249 -22.55 16.59 23.17
CA ASP B 249 -22.79 16.91 24.56
C ASP B 249 -21.87 16.02 25.32
N PRO B 250 -21.21 16.53 26.36
CA PRO B 250 -20.18 15.72 27.04
C PRO B 250 -20.71 14.39 27.62
N GLU B 251 -21.96 14.36 28.06
CA GLU B 251 -22.52 13.12 28.58
C GLU B 251 -22.78 12.08 27.46
N ASN B 252 -22.72 12.52 26.20
CA ASN B 252 -22.96 11.63 25.06
C ASN B 252 -21.87 11.71 23.98
N ARG B 253 -20.93 10.77 24.00
CA ARG B 253 -19.90 10.71 22.98
C ARG B 253 -20.31 9.94 21.71
N LEU B 254 -21.39 9.17 21.78
CA LEU B 254 -21.82 8.35 20.66
C LEU B 254 -22.38 9.23 19.56
N THR B 255 -23.54 9.85 19.82
CA THR B 255 -24.25 10.65 18.83
C THR B 255 -23.99 12.14 18.97
N PRO B 256 -23.35 12.75 17.97
CA PRO B 256 -23.16 14.21 17.99
C PRO B 256 -24.50 14.97 17.94
N LYS B 257 -24.45 16.22 18.38
CA LYS B 257 -25.58 17.10 18.28
C LYS B 257 -25.49 17.78 16.93
N ILE B 258 -24.26 18.04 16.49
CA ILE B 258 -24.01 18.69 15.21
C ILE B 258 -22.89 17.99 14.44
N SER B 259 -23.11 17.73 13.15
CA SER B 259 -22.05 17.19 12.30
C SER B 259 -21.83 18.09 11.09
N PHE B 260 -20.57 18.37 10.76
CA PHE B 260 -20.27 19.12 9.54
C PHE B 260 -19.38 18.22 8.69
N PRO B 261 -19.94 17.58 7.66
CA PRO B 261 -19.10 16.78 6.76
C PRO B 261 -18.07 17.69 6.08
N TRP B 262 -16.90 17.15 5.72
CA TRP B 262 -15.79 18.00 5.28
C TRP B 262 -16.15 18.85 4.05
N ASN B 263 -16.71 18.20 3.04
CA ASN B 263 -17.09 18.90 1.81
C ASN B 263 -18.11 20.04 1.99
N GLU B 264 -18.53 20.31 3.23
CA GLU B 264 -19.52 21.35 3.47
C GLU B 264 -18.93 22.48 4.30
N ILE B 265 -17.62 22.42 4.52
CA ILE B 265 -16.91 23.48 5.25
C ILE B 265 -15.93 24.21 4.34
N ARG B 266 -16.12 25.51 4.17
CA ARG B 266 -15.19 26.34 3.40
C ARG B 266 -13.83 26.37 4.09
N ASN B 267 -13.80 26.91 5.30
CA ASN B 267 -12.57 27.00 6.07
C ASN B 267 -12.80 26.99 7.57
N ILE B 268 -11.83 26.50 8.31
CA ILE B 268 -11.84 26.65 9.76
C ILE B 268 -10.80 27.70 10.12
N SER B 269 -11.24 28.80 10.72
CA SER B 269 -10.30 29.85 11.08
C SER B 269 -9.86 29.71 12.53
N TYR B 270 -8.65 30.19 12.81
CA TYR B 270 -8.18 30.20 14.19
C TYR B 270 -7.58 31.55 14.59
N SER B 271 -7.77 31.90 15.86
CA SER B 271 -7.19 33.10 16.45
C SER B 271 -7.47 33.12 17.96
N ASP B 272 -6.53 33.62 18.73
CA ASP B 272 -6.65 33.78 20.19
C ASP B 272 -7.50 32.74 20.91
N LYS B 273 -7.02 31.50 20.90
CA LYS B 273 -7.72 30.38 21.52
C LYS B 273 -9.12 30.12 20.94
N GLU B 274 -9.42 30.67 19.75
CA GLU B 274 -10.78 30.58 19.21
C GLU B 274 -10.90 30.08 17.77
N PHE B 275 -11.55 28.93 17.60
CA PHE B 275 -11.79 28.37 16.27
C PHE B 275 -13.13 28.85 15.71
N THR B 276 -13.23 28.89 14.39
CA THR B 276 -14.47 29.25 13.73
C THR B 276 -14.75 28.37 12.52
N ILE B 277 -15.86 27.64 12.58
CA ILE B 277 -16.25 26.79 11.47
C ILE B 277 -17.10 27.58 10.48
N LYS B 278 -16.56 27.74 9.28
CA LYS B 278 -17.20 28.52 8.25
C LYS B 278 -17.56 27.60 7.09
N PRO B 279 -18.86 27.27 6.96
CA PRO B 279 -19.41 26.34 5.96
C PRO B 279 -19.56 27.02 4.60
N LEU B 280 -19.63 26.22 3.53
CA LEU B 280 -19.78 26.76 2.18
C LEU B 280 -20.96 27.73 2.06
N ASP B 281 -22.07 27.42 2.74
CA ASP B 281 -23.26 28.27 2.66
C ASP B 281 -23.26 29.46 3.62
N LYS B 282 -23.35 30.67 3.05
CA LYS B 282 -23.55 31.85 3.87
C LYS B 282 -24.96 31.85 4.48
N LYS B 283 -25.80 30.96 3.98
CA LYS B 283 -27.09 30.76 4.55
C LYS B 283 -26.87 30.26 5.94
N ILE B 284 -25.92 29.37 6.04
CA ILE B 284 -25.69 28.61 7.25
C ILE B 284 -24.86 29.36 8.25
N ASP B 285 -25.38 29.50 9.45
CA ASP B 285 -24.73 30.26 10.51
C ASP B 285 -23.41 29.60 10.81
N VAL B 286 -22.35 30.37 10.92
CA VAL B 286 -21.05 29.82 11.28
C VAL B 286 -21.09 29.32 12.74
N PHE B 287 -20.22 28.37 13.05
CA PHE B 287 -20.11 27.84 14.40
C PHE B 287 -18.75 28.15 14.97
N LYS B 288 -18.74 28.84 16.10
CA LYS B 288 -17.51 29.33 16.71
C LYS B 288 -17.32 28.71 18.09
N PHE B 289 -16.10 28.27 18.38
CA PHE B 289 -15.80 27.72 19.70
C PHE B 289 -14.36 28.01 20.13
N ASN B 290 -14.07 27.74 21.40
CA ASN B 290 -12.76 28.01 21.95
C ASN B 290 -12.22 26.89 22.82
N SER B 291 -10.91 26.64 22.70
CA SER B 291 -10.22 25.61 23.46
C SER B 291 -9.10 26.23 24.26
N SER B 292 -8.83 25.65 25.42
CA SER B 292 -7.88 26.23 26.38
C SER B 292 -6.40 25.94 26.05
N LYS B 293 -6.08 24.68 25.75
CA LYS B 293 -4.68 24.30 25.56
C LYS B 293 -4.13 24.60 24.17
N LEU B 294 -3.31 25.65 24.08
CA LEU B 294 -2.68 26.05 22.82
C LEU B 294 -1.97 24.88 22.16
N ARG B 295 -1.40 24.02 22.99
CA ARG B 295 -0.76 22.80 22.51
C ARG B 295 -1.78 21.99 21.71
N VAL B 296 -2.92 21.71 22.34
CA VAL B 296 -4.00 20.95 21.70
C VAL B 296 -4.52 21.61 20.43
N ASN B 297 -4.76 22.91 20.50
CA ASN B 297 -5.26 23.64 19.34
C ASN B 297 -4.46 23.39 18.06
N LYS B 298 -3.14 23.27 18.20
CA LYS B 298 -2.25 23.03 17.07
C LYS B 298 -2.54 21.66 16.44
N LEU B 299 -2.75 20.67 17.32
CA LEU B 299 -3.08 19.30 16.94
C LEU B 299 -4.44 19.23 16.21
N ILE B 300 -5.43 19.95 16.76
CA ILE B 300 -6.76 19.97 16.17
C ILE B 300 -6.66 20.42 14.72
N LEU B 301 -6.04 21.58 14.50
CA LEU B 301 -5.84 22.07 13.14
C LEU B 301 -5.16 21.03 12.27
N GLN B 302 -4.21 20.28 12.83
CA GLN B 302 -3.50 19.25 12.07
C GLN B 302 -4.50 18.23 11.60
N LEU B 303 -5.29 17.73 12.55
CA LEU B 303 -6.24 16.67 12.27
C LEU B 303 -7.25 17.10 11.23
N CYS B 304 -7.78 18.31 11.39
CA CYS B 304 -8.75 18.85 10.44
C CYS B 304 -8.18 18.87 9.01
N ILE B 305 -7.09 19.61 8.83
CA ILE B 305 -6.36 19.65 7.56
C ILE B 305 -6.10 18.24 7.01
N GLY B 306 -5.49 17.39 7.81
CA GLY B 306 -5.20 16.03 7.40
C GLY B 306 -6.44 15.28 7.00
N ASN B 307 -7.44 15.20 7.88
CA ASN B 307 -8.70 14.52 7.54
C ASN B 307 -9.43 15.13 6.35
N HIS B 308 -9.58 16.46 6.34
CA HIS B 308 -10.20 17.14 5.19
C HIS B 308 -9.50 16.79 3.88
N ASP B 309 -8.17 16.92 3.84
CA ASP B 309 -7.43 16.56 2.64
C ASP B 309 -7.71 15.13 2.17
N LEU B 310 -7.65 14.17 3.09
CA LEU B 310 -7.86 12.76 2.70
C LEU B 310 -9.25 12.54 2.20
N PHE B 311 -10.22 13.22 2.83
CA PHE B 311 -11.62 13.13 2.48
C PHE B 311 -11.73 13.41 0.99
N MET B 312 -11.17 14.56 0.59
CA MET B 312 -11.31 15.08 -0.75
C MET B 312 -10.65 14.19 -1.78
N ARG B 313 -9.59 13.51 -1.38
CA ARG B 313 -8.88 12.60 -2.27
C ARG B 313 -9.64 11.32 -2.60
N ARG B 314 -10.59 10.92 -1.75
CA ARG B 314 -11.37 9.73 -2.05
C ARG B 314 -12.50 10.07 -3.01
N ARG B 315 -12.64 11.37 -3.31
CA ARG B 315 -13.69 11.88 -4.19
C ARG B 315 -13.14 12.18 -5.58
N GLY C 4 25.64 1.07 -22.92
CA GLY C 4 26.74 0.51 -23.70
C GLY C 4 27.29 1.53 -24.69
N PRO C 5 26.54 1.80 -25.77
CA PRO C 5 26.80 3.01 -26.56
C PRO C 5 26.29 4.26 -25.84
N TYR C 6 25.71 4.11 -24.65
CA TYR C 6 25.27 5.29 -23.92
C TYR C 6 26.27 5.66 -22.83
N GLN C 7 27.35 4.90 -22.71
CA GLN C 7 28.36 5.12 -21.67
C GLN C 7 28.80 6.59 -21.56
N LYS C 8 29.07 7.19 -22.71
CA LYS C 8 29.63 8.53 -22.74
C LYS C 8 28.57 9.57 -22.36
N ALA C 9 27.35 9.43 -22.90
CA ALA C 9 26.28 10.35 -22.51
C ALA C 9 26.01 10.25 -21.01
N LEU C 10 25.98 9.03 -20.50
CA LEU C 10 25.70 8.81 -19.10
C LEU C 10 26.76 9.47 -18.24
N ARG C 11 28.01 9.39 -18.68
CA ARG C 11 29.14 9.93 -17.94
C ARG C 11 29.14 11.46 -17.97
N GLU C 12 28.85 12.02 -19.14
CA GLU C 12 28.82 13.46 -19.25
C GLU C 12 27.70 14.03 -18.37
N ILE C 13 26.56 13.36 -18.38
CA ILE C 13 25.44 13.76 -17.56
C ILE C 13 25.79 13.65 -16.08
N ARG C 14 26.38 12.52 -15.68
CA ARG C 14 26.69 12.30 -14.27
C ARG C 14 27.63 13.40 -13.78
N TYR C 15 28.60 13.75 -14.61
CA TYR C 15 29.64 14.72 -14.26
C TYR C 15 29.06 16.12 -14.12
N SER C 16 28.14 16.49 -15.01
CA SER C 16 27.51 17.80 -14.87
C SER C 16 26.52 17.90 -13.70
N LEU C 17 25.95 16.79 -13.22
CA LEU C 17 25.05 16.89 -12.06
C LEU C 17 25.83 16.97 -10.74
N LEU C 18 26.96 16.31 -10.70
CA LEU C 18 27.79 16.20 -9.49
C LEU C 18 27.99 17.46 -8.65
N PRO C 19 28.15 18.62 -9.29
CA PRO C 19 28.37 19.80 -8.45
C PRO C 19 27.20 20.15 -7.52
N PHE C 20 25.98 19.77 -7.92
CA PHE C 20 24.76 20.14 -7.21
C PHE C 20 24.17 19.01 -6.35
N ALA C 21 24.97 17.97 -6.13
CA ALA C 21 24.49 16.85 -5.30
C ALA C 21 24.43 17.25 -3.81
N ASN C 22 23.42 16.75 -3.12
CA ASN C 22 23.27 16.96 -1.67
C ASN C 22 24.57 16.71 -0.89
N GLU C 23 24.77 17.49 0.17
CA GLU C 23 26.00 17.47 0.95
C GLU C 23 26.35 16.11 1.56
N GLY D 4 -23.95 -4.50 9.17
CA GLY D 4 -24.59 -4.67 7.89
C GLY D 4 -24.87 -6.13 7.56
N PRO D 5 -23.81 -6.87 7.19
CA PRO D 5 -23.91 -8.33 7.06
C PRO D 5 -23.81 -9.03 8.40
N TYR D 6 -23.73 -8.27 9.49
CA TYR D 6 -23.55 -8.88 10.80
C TYR D 6 -24.77 -8.78 11.70
N GLN D 7 -25.85 -8.20 11.19
CA GLN D 7 -27.05 -7.97 12.01
C GLN D 7 -27.65 -9.23 12.65
N LYS D 8 -28.01 -10.24 11.84
CA LYS D 8 -28.46 -11.55 12.35
C LYS D 8 -27.65 -12.01 13.56
N ALA D 9 -26.34 -12.15 13.38
CA ALA D 9 -25.41 -12.53 14.45
C ALA D 9 -25.49 -11.63 15.69
N LEU D 10 -25.32 -10.33 15.50
CA LEU D 10 -25.44 -9.39 16.61
C LEU D 10 -26.77 -9.57 17.37
N ARG D 11 -27.84 -9.85 16.63
CA ARG D 11 -29.18 -10.08 17.20
C ARG D 11 -29.25 -11.38 18.00
N GLU D 12 -28.80 -12.48 17.40
CA GLU D 12 -28.73 -13.77 18.08
C GLU D 12 -27.90 -13.69 19.37
N ILE D 13 -26.80 -12.94 19.33
CA ILE D 13 -25.96 -12.84 20.51
C ILE D 13 -26.69 -12.03 21.57
N ARG D 14 -27.28 -10.91 21.16
CA ARG D 14 -27.98 -10.04 22.11
C ARG D 14 -29.07 -10.84 22.82
N TYR D 15 -29.79 -11.65 22.06
CA TYR D 15 -30.86 -12.52 22.58
C TYR D 15 -30.35 -13.51 23.60
N SER D 16 -29.34 -14.30 23.23
CA SER D 16 -28.78 -15.30 24.14
C SER D 16 -28.18 -14.64 25.37
N LEU D 17 -27.69 -13.42 25.23
CA LEU D 17 -27.15 -12.71 26.37
C LEU D 17 -28.23 -12.26 27.36
N LEU D 18 -29.39 -11.89 26.83
CA LEU D 18 -30.46 -11.27 27.63
C LEU D 18 -30.72 -11.81 29.05
N PRO D 19 -31.05 -13.12 29.17
CA PRO D 19 -31.45 -13.64 30.50
C PRO D 19 -30.43 -13.39 31.63
N PHE D 20 -29.17 -13.16 31.29
CA PHE D 20 -28.14 -12.89 32.30
C PHE D 20 -27.79 -11.42 32.38
N ALA D 21 -28.65 -10.56 32.92
CA ALA D 21 -28.37 -9.13 32.89
C ALA D 21 -28.59 -8.36 34.19
N ASN D 22 -27.61 -7.50 34.50
CA ASN D 22 -27.51 -6.58 35.64
C ASN D 22 -26.08 -6.61 36.23
#